data_7BQY
#
_entry.id   7BQY
#
_cell.length_a   96.369
_cell.length_b   80.474
_cell.length_c   54.335
_cell.angle_alpha   90.000
_cell.angle_beta   116.520
_cell.angle_gamma   90.000
#
_symmetry.space_group_name_H-M   'C 1 2 1'
#
loop_
_entity.id
_entity.type
_entity.pdbx_description
1 polymer '3C-like proteinase'
2 polymer N-[(5-METHYLISOXAZOL-3-YL)CARBONYL]ALANYL-L-VALYL-N~1~-((1R,2Z)-4-(BENZYLOXY)-4-OXO-1-{[(3R)-2-OXOPYRROLIDIN-3-YL]METHYL}BUT-2-ENYL)-L-LEUCINAMIDE
3 water water
#
loop_
_entity_poly.entity_id
_entity_poly.type
_entity_poly.pdbx_seq_one_letter_code
_entity_poly.pdbx_strand_id
1 'polypeptide(L)'
;SGFRKMAFPSGKVEGCMVQVTCGTTTLNGLWLDDVVYCPRHVICTSEDMLNPNYEDLLIRKSNHNFLVQAGNVQLRVIGH
SMQNCVLKLKVDTANPKTPKYKFVRIQPGQTFSVLACYNGSPSGVYQCAMRPNFTIKGSFLNGSCGSVGFNIDYDCVSFC
YMHHMELPTGVHAGTDLEGNFYGPFVDRQTAQAAGTDTTITVNVLAWLYAAVINGDRWFLNRFTTTLNDFNLVAMKYNYE
PLTQDHVDILGPLSAQTGIAVLDMCASLKELLQNGMNGRTILGSALLEDEFTPFDVVRQCSGVTFQ
;
A
2 'polypeptide(L)' (02J)AVL(PJE)(010) C
#
# COMPACT_ATOMS: atom_id res chain seq x y z
N SER A 1 -19.43 16.88 -6.65
CA SER A 1 -18.49 17.15 -5.59
C SER A 1 -18.47 16.04 -4.55
N GLY A 2 -17.84 16.31 -3.42
CA GLY A 2 -17.58 15.28 -2.43
C GLY A 2 -16.17 14.73 -2.59
N PHE A 3 -15.61 14.23 -1.48
CA PHE A 3 -14.26 13.67 -1.52
C PHE A 3 -14.20 12.46 -0.60
N ARG A 4 -13.88 11.30 -1.16
CA ARG A 4 -13.92 10.04 -0.43
C ARG A 4 -12.57 9.34 -0.55
N LYS A 5 -12.28 8.49 0.42
CA LYS A 5 -11.08 7.66 0.29
C LYS A 5 -11.47 6.54 -0.66
N MET A 6 -11.08 6.70 -1.92
CA MET A 6 -11.58 5.90 -3.01
C MET A 6 -10.54 4.88 -3.44
N ALA A 7 -10.97 3.64 -3.61
CA ALA A 7 -10.11 2.58 -4.12
C ALA A 7 -10.34 2.41 -5.61
N PHE A 8 -9.35 1.79 -6.27
CA PHE A 8 -9.54 1.37 -7.64
C PHE A 8 -10.56 0.24 -7.72
N PRO A 9 -11.38 0.20 -8.79
CA PRO A 9 -12.21 -0.98 -9.02
C PRO A 9 -11.35 -2.21 -9.09
N SER A 10 -11.79 -3.27 -8.41
CA SER A 10 -10.93 -4.40 -8.06
C SER A 10 -11.10 -5.61 -8.94
N GLY A 11 -12.04 -5.58 -9.89
CA GLY A 11 -12.36 -6.76 -10.67
C GLY A 11 -11.17 -7.36 -11.40
N LYS A 12 -10.31 -6.51 -11.97
CA LYS A 12 -9.19 -7.04 -12.75
C LYS A 12 -8.23 -7.83 -11.87
N VAL A 13 -8.17 -7.51 -10.59
CA VAL A 13 -7.34 -8.23 -9.62
C VAL A 13 -8.07 -9.43 -9.05
N GLU A 14 -9.39 -9.28 -8.81
CA GLU A 14 -10.20 -10.42 -8.40
C GLU A 14 -10.01 -11.61 -9.34
N GLY A 15 -9.91 -11.36 -10.64
CA GLY A 15 -9.74 -12.44 -11.59
C GLY A 15 -8.47 -13.24 -11.41
N CYS A 16 -7.56 -12.76 -10.58
CA CYS A 16 -6.21 -13.29 -10.45
C CYS A 16 -5.97 -14.00 -9.14
N MET A 17 -6.94 -13.97 -8.21
CA MET A 17 -6.69 -14.49 -6.86
C MET A 17 -6.95 -15.99 -6.80
N VAL A 18 -6.02 -16.72 -6.20
CA VAL A 18 -6.09 -18.17 -6.07
C VAL A 18 -5.70 -18.54 -4.64
N GLN A 19 -5.91 -19.80 -4.30
CA GLN A 19 -5.53 -20.35 -3.00
C GLN A 19 -4.31 -21.22 -3.21
N VAL A 20 -3.29 -21.05 -2.36
CA VAL A 20 -2.11 -21.93 -2.38
C VAL A 20 -2.03 -22.63 -1.04
N THR A 21 -1.93 -23.96 -1.08
CA THR A 21 -1.80 -24.76 0.13
C THR A 21 -0.51 -25.56 0.02
N CYS A 22 0.30 -25.50 1.07
CA CYS A 22 1.46 -26.38 1.17
C CYS A 22 1.39 -27.06 2.53
N GLY A 23 1.26 -28.37 2.53
CA GLY A 23 1.08 -29.09 3.77
C GLY A 23 -0.21 -28.64 4.44
N THR A 24 -0.09 -28.07 5.63
CA THR A 24 -1.23 -27.60 6.40
C THR A 24 -1.40 -26.09 6.32
N THR A 25 -0.59 -25.40 5.52
CA THR A 25 -0.60 -23.94 5.46
C THR A 25 -1.32 -23.49 4.19
N THR A 26 -2.32 -22.63 4.34
CA THR A 26 -3.06 -22.12 3.20
C THR A 26 -2.99 -20.60 3.22
N LEU A 27 -2.72 -19.99 2.07
CA LEU A 27 -2.81 -18.53 1.95
C LEU A 27 -3.20 -18.19 0.51
N ASN A 28 -3.12 -16.91 0.15
CA ASN A 28 -3.53 -16.46 -1.17
C ASN A 28 -2.35 -16.34 -2.12
N GLY A 29 -2.62 -16.54 -3.40
CA GLY A 29 -1.64 -16.30 -4.44
C GLY A 29 -2.23 -15.50 -5.57
N LEU A 30 -1.33 -14.94 -6.38
CA LEU A 30 -1.66 -14.09 -7.51
C LEU A 30 -1.31 -14.84 -8.78
N TRP A 31 -2.34 -15.16 -9.59
CA TRP A 31 -2.17 -15.99 -10.78
C TRP A 31 -2.16 -15.09 -12.02
N LEU A 32 -0.98 -14.93 -12.63
CA LEU A 32 -0.79 -14.09 -13.81
C LEU A 32 -0.10 -14.93 -14.85
N ASP A 33 -0.69 -14.99 -16.06
CA ASP A 33 -0.20 -15.87 -17.12
C ASP A 33 -0.12 -17.27 -16.51
N ASP A 34 0.98 -18.00 -16.67
CA ASP A 34 1.06 -19.34 -16.10
C ASP A 34 1.91 -19.38 -14.83
N VAL A 35 1.88 -18.33 -14.03
CA VAL A 35 2.65 -18.29 -12.78
C VAL A 35 1.76 -17.82 -11.63
N VAL A 36 1.94 -18.46 -10.48
CA VAL A 36 1.30 -18.05 -9.23
C VAL A 36 2.38 -17.52 -8.29
N TYR A 37 2.20 -16.29 -7.83
CA TYR A 37 3.07 -15.63 -6.87
C TYR A 37 2.46 -15.72 -5.47
N CYS A 38 3.25 -16.07 -4.47
CA CYS A 38 2.71 -16.06 -3.11
C CYS A 38 3.85 -15.88 -2.11
N PRO A 39 3.53 -15.59 -0.84
CA PRO A 39 4.59 -15.43 0.17
C PRO A 39 5.26 -16.76 0.40
N ARG A 40 6.59 -16.71 0.60
CA ARG A 40 7.30 -17.98 0.75
C ARG A 40 6.99 -18.67 2.08
N HIS A 41 6.54 -17.94 3.10
CA HIS A 41 6.26 -18.60 4.37
C HIS A 41 5.09 -19.58 4.28
N VAL A 42 4.48 -19.75 3.10
CA VAL A 42 3.58 -20.89 2.89
C VAL A 42 4.28 -22.22 3.08
N ILE A 43 5.61 -22.28 2.94
CA ILE A 43 6.30 -23.57 3.16
C ILE A 43 6.70 -23.75 4.62
N CYS A 44 6.21 -22.89 5.50
CA CYS A 44 6.50 -22.98 6.92
C CYS A 44 5.36 -23.67 7.67
N THR A 45 5.73 -24.38 8.74
CA THR A 45 4.78 -24.73 9.77
C THR A 45 4.93 -23.71 10.90
N SER A 46 4.11 -23.83 11.93
CA SER A 46 4.03 -22.77 12.94
C SER A 46 5.30 -22.70 13.79
N GLU A 47 5.99 -23.82 13.98
CA GLU A 47 7.24 -23.81 14.74
C GLU A 47 8.48 -23.68 13.86
N ASP A 48 8.31 -23.57 12.55
CA ASP A 48 9.39 -23.11 11.69
C ASP A 48 9.46 -21.59 11.64
N MET A 49 8.53 -20.90 12.31
CA MET A 49 8.28 -19.50 12.05
C MET A 49 9.17 -18.55 12.85
N LEU A 50 9.86 -19.02 13.90
CA LEU A 50 10.72 -18.11 14.66
C LEU A 50 11.99 -17.79 13.91
N ASN A 51 12.55 -18.77 13.21
CA ASN A 51 13.82 -18.59 12.49
C ASN A 51 13.92 -19.64 11.39
N PRO A 52 13.09 -19.53 10.36
CA PRO A 52 13.14 -20.50 9.26
C PRO A 52 14.38 -20.29 8.40
N ASN A 53 14.88 -21.38 7.85
CA ASN A 53 15.81 -21.31 6.74
C ASN A 53 15.01 -21.72 5.51
N TYR A 54 14.56 -20.72 4.75
CA TYR A 54 13.62 -20.99 3.67
C TYR A 54 14.26 -21.85 2.59
N GLU A 55 15.56 -21.65 2.32
CA GLU A 55 16.22 -22.48 1.33
C GLU A 55 16.16 -23.96 1.72
N ASP A 56 16.33 -24.24 3.02
CA ASP A 56 16.26 -25.61 3.52
C ASP A 56 14.86 -26.17 3.39
N LEU A 57 13.87 -25.39 3.82
CA LEU A 57 12.48 -25.82 3.74
C LEU A 57 12.07 -26.08 2.29
N LEU A 58 12.57 -25.26 1.36
CA LEU A 58 12.16 -25.35 -0.03
C LEU A 58 12.85 -26.49 -0.78
N ILE A 59 14.15 -26.70 -0.53
CA ILE A 59 14.83 -27.85 -1.15
C ILE A 59 14.17 -29.15 -0.75
N ARG A 60 13.45 -29.16 0.35
CA ARG A 60 12.78 -30.39 0.78
C ARG A 60 11.39 -30.53 0.20
N LYS A 61 10.95 -29.61 -0.66
CA LYS A 61 9.66 -29.72 -1.32
C LYS A 61 9.84 -30.01 -2.81
N SER A 62 8.81 -30.62 -3.39
CA SER A 62 8.66 -30.86 -4.83
C SER A 62 7.40 -30.18 -5.32
N ASN A 63 7.23 -30.16 -6.66
CA ASN A 63 6.05 -29.55 -7.27
C ASN A 63 4.76 -30.06 -6.62
N HIS A 64 4.65 -31.38 -6.45
CA HIS A 64 3.42 -31.95 -5.92
C HIS A 64 3.20 -31.66 -4.43
N ASN A 65 4.12 -30.94 -3.78
CA ASN A 65 3.87 -30.49 -2.42
C ASN A 65 2.96 -29.26 -2.36
N PHE A 66 2.63 -28.69 -3.51
CA PHE A 66 1.91 -27.42 -3.57
C PHE A 66 0.57 -27.62 -4.30
N LEU A 67 -0.52 -27.19 -3.69
CA LEU A 67 -1.84 -27.26 -4.29
C LEU A 67 -2.32 -25.87 -4.59
N VAL A 68 -2.70 -25.61 -5.84
CA VAL A 68 -3.24 -24.31 -6.22
C VAL A 68 -4.68 -24.52 -6.63
N GLN A 69 -5.56 -23.74 -6.04
CA GLN A 69 -6.99 -23.86 -6.31
C GLN A 69 -7.45 -22.52 -6.85
N ALA A 70 -8.08 -22.54 -8.02
CA ALA A 70 -8.62 -21.35 -8.66
C ALA A 70 -10.13 -21.58 -8.71
N GLY A 71 -10.82 -21.09 -7.68
CA GLY A 71 -12.25 -21.28 -7.56
C GLY A 71 -12.60 -22.74 -7.47
N ASN A 72 -13.22 -23.25 -8.53
CA ASN A 72 -13.50 -24.68 -8.63
C ASN A 72 -12.23 -25.46 -8.89
N VAL A 73 -11.44 -25.03 -9.86
CA VAL A 73 -10.45 -25.87 -10.50
C VAL A 73 -9.23 -26.04 -9.59
N GLN A 74 -8.57 -27.18 -9.73
CA GLN A 74 -7.22 -27.32 -9.22
C GLN A 74 -6.25 -27.11 -10.37
N LEU A 75 -5.18 -26.36 -10.11
CA LEU A 75 -4.15 -26.10 -11.09
C LEU A 75 -2.94 -26.98 -10.75
N ARG A 76 -2.44 -27.70 -11.74
CA ARG A 76 -1.27 -28.53 -11.51
C ARG A 76 -0.02 -27.67 -11.54
N VAL A 77 0.77 -27.76 -10.49
CA VAL A 77 2.04 -27.03 -10.41
C VAL A 77 3.10 -27.83 -11.16
N ILE A 78 3.75 -27.21 -12.14
CA ILE A 78 4.78 -27.88 -12.94
C ILE A 78 6.18 -27.32 -12.69
N GLY A 79 6.30 -26.29 -11.86
CA GLY A 79 7.62 -25.81 -11.49
C GLY A 79 7.51 -24.91 -10.29
N HIS A 80 8.62 -24.74 -9.58
CA HIS A 80 8.60 -23.83 -8.43
C HIS A 80 9.97 -23.20 -8.23
N SER A 81 9.98 -21.93 -7.83
CA SER A 81 11.23 -21.26 -7.52
C SER A 81 11.01 -20.18 -6.47
N MET A 82 12.11 -19.75 -5.88
CA MET A 82 12.08 -18.69 -4.89
C MET A 82 12.82 -17.46 -5.40
N GLN A 83 12.19 -16.30 -5.23
CA GLN A 83 12.77 -15.00 -5.55
C GLN A 83 12.56 -14.13 -4.34
N ASN A 84 13.63 -13.89 -3.57
CA ASN A 84 13.57 -13.08 -2.35
C ASN A 84 12.53 -13.70 -1.45
N CYS A 85 11.49 -12.99 -1.03
CA CYS A 85 10.52 -13.56 -0.10
C CYS A 85 9.26 -14.05 -0.79
N VAL A 86 9.28 -14.22 -2.10
CA VAL A 86 8.11 -14.78 -2.75
C VAL A 86 8.46 -16.11 -3.42
N LEU A 87 7.45 -16.96 -3.48
CA LEU A 87 7.48 -18.22 -4.22
C LEU A 87 6.78 -18.00 -5.56
N LYS A 88 7.35 -18.57 -6.60
CA LYS A 88 6.80 -18.54 -7.95
C LYS A 88 6.49 -19.97 -8.35
N LEU A 89 5.20 -20.27 -8.49
CA LEU A 89 4.77 -21.61 -8.88
C LEU A 89 4.33 -21.57 -10.34
N LYS A 90 5.09 -22.24 -11.21
CA LYS A 90 4.69 -22.35 -12.61
C LYS A 90 3.62 -23.43 -12.71
N VAL A 91 2.45 -23.04 -13.24
CA VAL A 91 1.31 -23.92 -13.38
C VAL A 91 1.10 -24.24 -14.85
N ASP A 92 0.34 -25.30 -15.11
CA ASP A 92 0.15 -25.82 -16.46
C ASP A 92 -0.88 -25.03 -17.27
N THR A 93 -1.48 -23.96 -16.72
CA THR A 93 -2.55 -23.23 -17.39
C THR A 93 -2.32 -21.74 -17.23
N ALA A 94 -2.41 -20.98 -18.34
CA ALA A 94 -2.31 -19.53 -18.26
C ALA A 94 -3.65 -18.97 -17.81
N ASN A 95 -3.61 -18.00 -16.90
CA ASN A 95 -4.84 -17.40 -16.41
C ASN A 95 -5.56 -16.71 -17.55
N PRO A 96 -6.76 -17.17 -17.93
CA PRO A 96 -7.49 -16.51 -19.02
C PRO A 96 -7.95 -15.10 -18.67
N LYS A 97 -7.98 -14.77 -17.40
CA LYS A 97 -8.39 -13.44 -16.95
C LYS A 97 -7.21 -12.52 -16.67
N THR A 98 -6.01 -12.86 -17.13
CA THR A 98 -4.83 -12.03 -16.85
C THR A 98 -5.01 -10.64 -17.44
N PRO A 99 -4.97 -9.58 -16.64
CA PRO A 99 -5.03 -8.23 -17.20
C PRO A 99 -3.69 -7.81 -17.77
N LYS A 100 -3.72 -6.69 -18.51
CA LYS A 100 -2.48 -5.98 -18.75
C LYS A 100 -1.91 -5.57 -17.40
N TYR A 101 -0.64 -5.90 -17.14
CA TYR A 101 -0.12 -5.63 -15.81
C TYR A 101 1.37 -5.34 -15.83
N LYS A 102 1.80 -4.64 -14.76
CA LYS A 102 3.20 -4.38 -14.45
C LYS A 102 3.42 -4.67 -12.98
N PHE A 103 4.67 -4.97 -12.64
CA PHE A 103 5.11 -4.93 -11.24
C PHE A 103 5.88 -3.65 -11.02
N VAL A 104 5.55 -2.92 -9.94
CA VAL A 104 6.18 -1.66 -9.59
C VAL A 104 6.56 -1.68 -8.12
N ARG A 105 7.71 -1.11 -7.80
CA ARG A 105 8.10 -0.87 -6.43
C ARG A 105 7.88 0.61 -6.13
N ILE A 106 6.97 0.90 -5.22
CA ILE A 106 6.56 2.29 -4.98
C ILE A 106 7.44 2.94 -3.92
N GLN A 107 7.46 4.28 -3.93
CA GLN A 107 8.10 5.14 -2.94
C GLN A 107 7.17 5.41 -1.77
N PRO A 108 7.75 5.62 -0.59
CA PRO A 108 6.93 6.00 0.56
C PRO A 108 6.14 7.25 0.20
N GLY A 109 4.93 7.31 0.68
CA GLY A 109 4.04 8.43 0.42
C GLY A 109 3.08 8.19 -0.71
N GLN A 110 3.36 7.20 -1.55
CA GLN A 110 2.46 6.79 -2.62
C GLN A 110 1.31 5.95 -2.07
N THR A 111 0.18 5.99 -2.75
CA THR A 111 -1.01 5.28 -2.30
C THR A 111 -1.32 4.12 -3.25
N PHE A 112 -2.15 3.19 -2.79
CA PHE A 112 -2.56 2.06 -3.60
C PHE A 112 -3.78 1.42 -2.96
N SER A 113 -4.50 0.64 -3.75
CA SER A 113 -5.63 -0.13 -3.27
C SER A 113 -5.16 -1.51 -2.83
N VAL A 114 -5.73 -2.01 -1.73
CA VAL A 114 -5.52 -3.37 -1.26
C VAL A 114 -6.80 -4.16 -1.45
N LEU A 115 -6.68 -5.35 -2.05
CA LEU A 115 -7.80 -6.28 -2.11
C LEU A 115 -7.56 -7.36 -1.06
N ALA A 116 -8.22 -7.22 0.08
CA ALA A 116 -8.12 -8.20 1.15
C ALA A 116 -8.85 -9.49 0.77
N CYS A 117 -8.11 -10.61 0.91
CA CYS A 117 -8.51 -11.91 0.42
C CYS A 117 -8.26 -12.99 1.46
N TYR A 118 -9.14 -13.99 1.50
CA TYR A 118 -8.99 -15.14 2.39
C TYR A 118 -9.33 -16.41 1.62
N ASN A 119 -8.39 -17.36 1.62
CA ASN A 119 -8.58 -18.64 0.93
C ASN A 119 -8.89 -18.42 -0.54
N GLY A 120 -8.23 -17.43 -1.15
CA GLY A 120 -8.37 -17.17 -2.56
C GLY A 120 -9.60 -16.36 -2.92
N SER A 121 -10.37 -15.90 -1.94
CA SER A 121 -11.63 -15.21 -2.19
C SER A 121 -11.57 -13.78 -1.70
N PRO A 122 -11.73 -12.79 -2.57
CA PRO A 122 -11.73 -11.38 -2.12
C PRO A 122 -12.80 -11.11 -1.09
N SER A 123 -12.39 -10.38 -0.05
CA SER A 123 -13.18 -9.94 1.09
C SER A 123 -13.59 -8.47 0.98
N GLY A 124 -12.66 -7.63 0.56
CA GLY A 124 -12.95 -6.20 0.55
C GLY A 124 -11.82 -5.45 -0.10
N VAL A 125 -12.07 -4.18 -0.35
CA VAL A 125 -11.09 -3.34 -1.02
C VAL A 125 -11.01 -2.01 -0.27
N TYR A 126 -9.79 -1.51 -0.07
CA TYR A 126 -9.61 -0.24 0.62
C TYR A 126 -8.32 0.41 0.15
N GLN A 127 -8.23 1.73 0.35
CA GLN A 127 -7.07 2.51 -0.04
C GLN A 127 -6.08 2.65 1.12
N CYS A 128 -4.78 2.63 0.79
CA CYS A 128 -3.66 2.63 1.74
C CYS A 128 -2.61 3.60 1.23
N ALA A 129 -1.76 4.10 2.14
CA ALA A 129 -0.52 4.73 1.68
C ALA A 129 0.66 3.92 2.24
N MET A 130 1.74 3.85 1.46
CA MET A 130 3.00 3.37 2.06
C MET A 130 3.52 4.45 3.00
N ARG A 131 3.61 4.13 4.31
CA ARG A 131 4.04 5.14 5.26
C ARG A 131 5.52 5.46 5.05
N PRO A 132 5.98 6.61 5.52
CA PRO A 132 7.42 6.92 5.44
C PRO A 132 8.30 5.88 6.10
N ASN A 133 7.77 5.15 7.09
CA ASN A 133 8.53 4.09 7.76
C ASN A 133 8.29 2.74 7.09
N PHE A 134 7.68 2.74 5.89
CA PHE A 134 7.56 1.54 5.06
C PHE A 134 6.68 0.47 5.69
N THR A 135 5.74 0.87 6.54
CA THR A 135 4.61 0.03 6.90
C THR A 135 3.37 0.58 6.20
N ILE A 136 2.30 -0.19 6.28
CA ILE A 136 0.99 0.30 5.85
C ILE A 136 0.01 0.06 6.97
N LYS A 137 -0.97 0.95 7.09
CA LYS A 137 -2.01 0.79 8.11
C LYS A 137 -3.18 0.12 7.39
N GLY A 138 -3.19 -1.22 7.43
CA GLY A 138 -4.13 -2.02 6.70
C GLY A 138 -5.17 -2.62 7.62
N SER A 139 -5.89 -3.58 7.07
CA SER A 139 -6.87 -4.36 7.83
C SER A 139 -6.68 -5.80 7.36
N PHE A 140 -6.00 -6.60 8.18
CA PHE A 140 -5.56 -7.93 7.79
C PHE A 140 -5.73 -8.89 8.95
N LEU A 141 -6.26 -10.07 8.67
CA LEU A 141 -6.44 -11.12 9.67
C LEU A 141 -5.63 -12.35 9.24
N ASN A 142 -5.64 -13.39 10.06
CA ASN A 142 -5.05 -14.66 9.67
C ASN A 142 -5.61 -15.13 8.33
N GLY A 143 -4.72 -15.65 7.49
CA GLY A 143 -5.11 -16.12 6.17
C GLY A 143 -5.09 -15.05 5.10
N SER A 144 -4.85 -13.80 5.44
CA SER A 144 -4.85 -12.72 4.45
C SER A 144 -3.53 -12.62 3.70
N CYS A 145 -2.49 -13.36 4.08
CA CYS A 145 -1.22 -13.15 3.41
C CYS A 145 -1.33 -13.53 1.94
N GLY A 146 -0.58 -12.82 1.09
CA GLY A 146 -0.71 -13.01 -0.34
C GLY A 146 -1.74 -12.07 -0.96
N SER A 147 -2.55 -11.41 -0.14
CA SER A 147 -3.39 -10.30 -0.64
C SER A 147 -2.49 -9.23 -1.24
N VAL A 148 -2.95 -8.56 -2.31
CA VAL A 148 -2.03 -7.66 -3.00
C VAL A 148 -2.59 -6.23 -2.99
N GLY A 149 -1.66 -5.29 -3.24
CA GLY A 149 -2.02 -3.88 -3.44
C GLY A 149 -1.58 -3.44 -4.82
N PHE A 150 -2.31 -2.46 -5.38
CA PHE A 150 -2.21 -2.19 -6.81
C PHE A 150 -2.74 -0.79 -7.09
N ASN A 151 -2.31 -0.25 -8.22
CA ASN A 151 -2.92 0.91 -8.85
C ASN A 151 -3.37 0.49 -10.23
N ILE A 152 -4.37 1.18 -10.79
CA ILE A 152 -4.76 0.90 -12.16
C ILE A 152 -4.60 2.19 -12.98
N ASP A 153 -3.93 2.09 -14.11
CA ASP A 153 -3.71 3.23 -14.99
C ASP A 153 -4.20 2.86 -16.37
N TYR A 154 -5.16 3.64 -16.88
CA TYR A 154 -5.95 3.21 -18.01
C TYR A 154 -6.54 1.84 -17.69
N ASP A 155 -6.15 0.77 -18.37
CA ASP A 155 -6.58 -0.56 -17.95
C ASP A 155 -5.39 -1.49 -17.69
N CYS A 156 -4.28 -0.93 -17.22
CA CYS A 156 -3.12 -1.73 -16.84
C CYS A 156 -2.99 -1.73 -15.31
N VAL A 157 -2.86 -2.91 -14.73
CA VAL A 157 -2.76 -3.03 -13.29
C VAL A 157 -1.29 -3.01 -12.91
N SER A 158 -0.88 -2.02 -12.09
CA SER A 158 0.47 -1.98 -11.53
C SER A 158 0.38 -2.53 -10.12
N PHE A 159 0.87 -3.77 -9.95
CA PHE A 159 0.94 -4.42 -8.65
C PHE A 159 2.17 -3.91 -7.92
N CYS A 160 1.98 -3.49 -6.68
CA CYS A 160 3.07 -2.92 -5.88
C CYS A 160 3.24 -3.50 -4.50
N TYR A 161 2.34 -4.36 -4.03
CA TYR A 161 2.43 -4.83 -2.64
C TYR A 161 1.84 -6.23 -2.52
N MET A 162 2.54 -7.08 -1.77
CA MET A 162 1.97 -8.35 -1.33
C MET A 162 2.11 -8.44 0.18
N HIS A 163 1.08 -8.90 0.87
CA HIS A 163 1.03 -8.78 2.33
C HIS A 163 1.72 -9.97 2.97
N HIS A 164 2.59 -9.71 3.97
CA HIS A 164 3.30 -10.80 4.66
C HIS A 164 3.09 -10.84 6.17
N MET A 165 2.97 -9.70 6.86
CA MET A 165 3.00 -9.81 8.32
C MET A 165 2.46 -8.56 9.00
N GLU A 166 2.23 -8.69 10.31
CA GLU A 166 1.74 -7.62 11.16
C GLU A 166 2.77 -7.41 12.27
N LEU A 167 3.14 -6.14 12.51
CA LEU A 167 4.05 -5.75 13.58
C LEU A 167 3.29 -5.54 14.88
N PRO A 168 3.98 -5.55 16.02
CA PRO A 168 3.28 -5.45 17.30
C PRO A 168 2.42 -4.20 17.44
N THR A 169 2.65 -3.16 16.67
CA THR A 169 1.87 -1.94 16.79
C THR A 169 0.55 -2.00 16.03
N GLY A 170 0.22 -3.15 15.44
CA GLY A 170 -0.98 -3.28 14.65
C GLY A 170 -0.85 -2.83 13.21
N VAL A 171 0.34 -2.44 12.77
CA VAL A 171 0.58 -2.05 11.39
C VAL A 171 1.16 -3.24 10.64
N HIS A 172 1.34 -3.08 9.32
CA HIS A 172 1.49 -4.20 8.41
C HIS A 172 2.71 -4.02 7.53
N ALA A 173 3.30 -5.14 7.13
CA ALA A 173 4.54 -5.13 6.36
C ALA A 173 4.43 -6.17 5.25
N GLY A 174 5.07 -5.88 4.14
CA GLY A 174 5.03 -6.79 3.02
C GLY A 174 6.05 -6.39 1.98
N THR A 175 5.91 -7.00 0.80
CA THR A 175 6.95 -6.92 -0.21
C THR A 175 6.39 -6.32 -1.49
N ASP A 176 7.29 -5.96 -2.41
CA ASP A 176 6.86 -5.79 -3.80
C ASP A 176 6.61 -7.18 -4.40
N LEU A 177 6.19 -7.22 -5.67
CA LEU A 177 5.87 -8.51 -6.27
C LEU A 177 7.10 -9.29 -6.71
N GLU A 178 8.29 -8.72 -6.56
CA GLU A 178 9.54 -9.48 -6.67
C GLU A 178 10.01 -10.00 -5.34
N GLY A 179 9.25 -9.77 -4.28
CA GLY A 179 9.56 -10.35 -3.00
C GLY A 179 10.50 -9.55 -2.14
N ASN A 180 10.80 -8.30 -2.50
CA ASN A 180 11.65 -7.49 -1.65
C ASN A 180 10.77 -6.73 -0.67
N PHE A 181 11.04 -6.89 0.63
CA PHE A 181 10.30 -6.15 1.64
C PHE A 181 10.45 -4.65 1.41
N TYR A 182 9.33 -3.94 1.62
CA TYR A 182 9.40 -2.55 2.00
C TYR A 182 9.92 -2.43 3.42
N GLY A 183 10.91 -1.58 3.62
CA GLY A 183 11.49 -1.34 4.94
C GLY A 183 12.49 -2.43 5.30
N PRO A 184 12.94 -2.42 6.55
CA PRO A 184 14.00 -3.34 7.02
C PRO A 184 13.52 -4.69 7.51
N PHE A 185 12.25 -5.01 7.30
CA PHE A 185 11.60 -6.16 7.91
C PHE A 185 12.02 -7.45 7.23
N VAL A 186 11.90 -8.54 7.99
CA VAL A 186 12.18 -9.88 7.48
C VAL A 186 11.01 -10.78 7.84
N ASP A 187 10.84 -11.86 7.06
CA ASP A 187 9.66 -12.72 7.26
C ASP A 187 10.01 -13.85 8.24
N ARG A 188 10.10 -13.45 9.52
CA ARG A 188 10.20 -14.36 10.64
C ARG A 188 9.52 -13.74 11.84
N GLN A 189 9.02 -14.58 12.75
CA GLN A 189 8.29 -14.11 13.93
C GLN A 189 9.25 -13.75 15.06
N THR A 190 10.11 -12.79 14.77
CA THR A 190 11.06 -12.24 15.72
C THR A 190 10.61 -10.84 16.13
N ALA A 191 11.28 -10.32 17.15
CA ALA A 191 11.05 -8.96 17.62
C ALA A 191 11.46 -7.98 16.55
N GLN A 192 10.48 -7.33 15.92
CA GLN A 192 10.72 -6.28 14.95
C GLN A 192 9.77 -5.14 15.25
N ALA A 193 10.23 -3.93 14.97
CA ALA A 193 9.44 -2.74 15.22
C ALA A 193 9.59 -1.78 14.06
N ALA A 194 8.50 -1.09 13.73
CA ALA A 194 8.58 0.00 12.75
C ALA A 194 9.40 1.15 13.30
N GLY A 195 10.13 1.83 12.42
CA GLY A 195 10.74 3.08 12.78
C GLY A 195 9.69 4.13 13.10
N THR A 196 10.16 5.26 13.66
CA THR A 196 9.25 6.36 13.95
C THR A 196 8.64 6.84 12.64
N ASP A 197 7.33 6.95 12.62
CA ASP A 197 6.70 7.43 11.40
C ASP A 197 6.66 8.95 11.39
N THR A 198 6.37 9.52 10.21
CA THR A 198 6.18 10.96 10.04
C THR A 198 4.95 11.16 9.17
N THR A 199 4.46 12.40 9.09
CA THR A 199 3.29 12.70 8.28
C THR A 199 3.73 13.14 6.89
N ILE A 200 3.02 12.69 5.87
CA ILE A 200 3.37 12.93 4.46
C ILE A 200 2.86 14.33 4.08
N THR A 201 3.77 15.30 4.14
CA THR A 201 3.44 16.73 4.05
C THR A 201 2.81 17.09 2.70
N VAL A 202 3.45 16.65 1.61
CA VAL A 202 2.90 16.96 0.29
C VAL A 202 1.47 16.44 0.16
N ASN A 203 1.17 15.29 0.78
CA ASN A 203 -0.17 14.73 0.68
C ASN A 203 -1.17 15.57 1.47
N VAL A 204 -0.78 16.00 2.68
CA VAL A 204 -1.64 16.91 3.46
C VAL A 204 -1.97 18.14 2.64
N LEU A 205 -0.96 18.74 2.01
CA LEU A 205 -1.21 19.92 1.18
C LEU A 205 -2.15 19.60 0.02
N ALA A 206 -1.95 18.46 -0.65
CA ALA A 206 -2.85 18.09 -1.73
C ALA A 206 -4.29 17.99 -1.25
N TRP A 207 -4.49 17.42 -0.05
CA TRP A 207 -5.83 17.26 0.51
C TRP A 207 -6.44 18.60 0.91
N LEU A 208 -5.62 19.53 1.42
CA LEU A 208 -6.13 20.88 1.62
C LEU A 208 -6.62 21.50 0.30
N TYR A 209 -5.89 21.22 -0.79
CA TYR A 209 -6.37 21.68 -2.10
C TYR A 209 -7.67 21.01 -2.50
N ALA A 210 -7.80 19.71 -2.24
CA ALA A 210 -9.08 19.02 -2.45
C ALA A 210 -10.20 19.72 -1.67
N ALA A 211 -9.91 20.07 -0.42
CA ALA A 211 -10.90 20.78 0.41
C ALA A 211 -11.34 22.07 -0.27
N VAL A 212 -10.38 22.85 -0.74
CA VAL A 212 -10.73 24.10 -1.42
C VAL A 212 -11.54 23.83 -2.68
N ILE A 213 -11.11 22.85 -3.48
CA ILE A 213 -11.85 22.50 -4.69
C ILE A 213 -13.30 22.18 -4.34
N ASN A 214 -13.52 21.57 -3.17
CA ASN A 214 -14.86 21.18 -2.75
C ASN A 214 -15.56 22.20 -1.85
N GLY A 215 -14.95 23.36 -1.59
CA GLY A 215 -15.60 24.46 -0.90
C GLY A 215 -15.37 24.57 0.59
N ASP A 216 -14.44 23.80 1.16
CA ASP A 216 -13.98 23.98 2.54
C ASP A 216 -12.84 24.99 2.51
N ARG A 217 -13.10 26.20 3.00
CA ARG A 217 -12.10 27.25 2.91
C ARG A 217 -11.80 27.96 4.20
N TRP A 218 -12.42 27.56 5.31
CA TRP A 218 -12.28 28.29 6.57
C TRP A 218 -10.83 28.36 7.02
N PHE A 219 -9.98 27.42 6.59
CA PHE A 219 -8.59 27.37 7.03
C PHE A 219 -7.64 28.23 6.21
N LEU A 220 -8.09 28.88 5.14
CA LEU A 220 -7.16 29.73 4.41
C LEU A 220 -6.86 31.01 5.19
N ASN A 221 -5.75 31.66 4.82
CA ASN A 221 -5.38 32.93 5.40
C ASN A 221 -4.75 33.82 4.34
N ARG A 222 -4.51 35.08 4.72
CA ARG A 222 -3.85 36.05 3.86
C ARG A 222 -2.33 35.97 3.94
N PHE A 223 -1.77 35.04 4.70
CA PHE A 223 -0.34 34.96 4.94
C PHE A 223 0.36 34.10 3.89
N THR A 224 1.69 34.18 3.90
CA THR A 224 2.51 33.25 3.14
C THR A 224 3.73 32.91 3.99
N THR A 225 4.62 32.10 3.42
CA THR A 225 5.82 31.66 4.12
C THR A 225 6.85 31.24 3.09
N THR A 226 8.10 31.12 3.53
CA THR A 226 9.11 30.54 2.69
C THR A 226 9.17 29.03 2.94
N LEU A 227 9.74 28.32 1.96
CA LEU A 227 9.90 26.88 2.12
C LEU A 227 10.66 26.55 3.41
N ASN A 228 11.68 27.36 3.73
CA ASN A 228 12.54 27.03 4.88
C ASN A 228 11.82 27.25 6.21
N ASP A 229 11.10 28.37 6.35
CA ASP A 229 10.36 28.62 7.60
C ASP A 229 9.25 27.59 7.78
N PHE A 230 8.55 27.26 6.69
CA PHE A 230 7.57 26.19 6.74
C PHE A 230 8.23 24.90 7.20
N ASN A 231 9.41 24.58 6.65
CA ASN A 231 10.04 23.31 7.00
C ASN A 231 10.50 23.30 8.46
N LEU A 232 10.87 24.46 9.00
CA LEU A 232 11.15 24.55 10.44
C LEU A 232 9.93 24.14 11.26
N VAL A 233 8.76 24.69 10.90
CA VAL A 233 7.53 24.29 11.59
C VAL A 233 7.25 22.80 11.38
N ALA A 234 7.43 22.30 10.16
CA ALA A 234 7.11 20.90 9.86
C ALA A 234 7.97 19.95 10.67
N MET A 235 9.29 20.19 10.68
CA MET A 235 10.15 19.41 11.56
C MET A 235 9.63 19.44 12.99
N LYS A 236 9.20 20.62 13.47
CA LYS A 236 8.68 20.66 14.84
C LYS A 236 7.47 19.74 15.05
N TYR A 237 6.66 19.50 14.03
CA TYR A 237 5.44 18.71 14.18
C TYR A 237 5.56 17.30 13.58
N ASN A 238 6.78 16.84 13.33
CA ASN A 238 7.02 15.49 12.81
C ASN A 238 6.37 15.31 11.43
N TYR A 239 6.48 16.35 10.61
CA TYR A 239 6.08 16.30 9.22
C TYR A 239 7.34 16.14 8.39
N GLU A 240 7.20 15.49 7.23
CA GLU A 240 8.34 15.35 6.34
C GLU A 240 8.71 16.70 5.75
N PRO A 241 9.99 16.97 5.58
CA PRO A 241 10.41 18.16 4.85
C PRO A 241 9.70 18.24 3.49
N LEU A 242 9.37 19.47 3.09
CA LEU A 242 8.77 19.73 1.80
C LEU A 242 9.87 20.13 0.82
N THR A 243 10.02 19.37 -0.25
CA THR A 243 11.02 19.65 -1.27
C THR A 243 10.42 20.51 -2.37
N GLN A 244 11.30 21.18 -3.12
CA GLN A 244 10.81 21.91 -4.28
C GLN A 244 10.23 20.95 -5.31
N ASP A 245 10.68 19.70 -5.34
CA ASP A 245 10.02 18.70 -6.16
C ASP A 245 8.55 18.57 -5.78
N HIS A 246 8.28 18.51 -4.47
CA HIS A 246 6.90 18.45 -3.97
C HIS A 246 6.11 19.69 -4.38
N VAL A 247 6.72 20.87 -4.21
CA VAL A 247 6.06 22.12 -4.57
C VAL A 247 5.69 22.12 -6.04
N ASP A 248 6.57 21.62 -6.90
CA ASP A 248 6.28 21.55 -8.31
C ASP A 248 5.18 20.54 -8.61
N ILE A 249 5.23 19.37 -7.96
CA ILE A 249 4.18 18.36 -8.14
C ILE A 249 2.81 18.95 -7.80
N LEU A 250 2.76 19.89 -6.87
CA LEU A 250 1.52 20.56 -6.48
C LEU A 250 1.11 21.66 -7.44
N GLY A 251 1.92 21.89 -8.48
CA GLY A 251 1.67 22.91 -9.46
C GLY A 251 0.25 22.94 -9.99
N PRO A 252 -0.19 21.86 -10.64
CA PRO A 252 -1.53 21.89 -11.27
C PRO A 252 -2.66 22.20 -10.29
N LEU A 253 -2.60 21.69 -9.06
CA LEU A 253 -3.65 22.01 -8.08
C LEU A 253 -3.62 23.47 -7.68
N SER A 254 -2.42 23.97 -7.39
CA SER A 254 -2.24 25.39 -7.14
C SER A 254 -2.84 26.22 -8.27
N ALA A 255 -2.69 25.75 -9.50
CA ALA A 255 -3.14 26.50 -10.66
C ALA A 255 -4.65 26.45 -10.81
N GLN A 256 -5.26 25.30 -10.50
CA GLN A 256 -6.70 25.19 -10.60
C GLN A 256 -7.39 26.04 -9.54
N THR A 257 -6.81 26.12 -8.34
CA THR A 257 -7.43 26.87 -7.26
C THR A 257 -6.93 28.30 -7.14
N GLY A 258 -5.80 28.64 -7.76
CA GLY A 258 -5.26 29.98 -7.60
C GLY A 258 -4.69 30.25 -6.23
N ILE A 259 -4.31 29.22 -5.48
CA ILE A 259 -3.68 29.38 -4.18
C ILE A 259 -2.23 28.93 -4.33
N ALA A 260 -1.30 29.86 -4.13
CA ALA A 260 0.10 29.52 -4.27
C ALA A 260 0.47 28.43 -3.27
N VAL A 261 1.43 27.59 -3.65
CA VAL A 261 1.78 26.47 -2.79
C VAL A 261 2.22 26.98 -1.41
N LEU A 262 3.08 27.99 -1.38
CA LEU A 262 3.56 28.51 -0.10
C LEU A 262 2.46 29.21 0.69
N ASP A 263 1.43 29.75 0.03
CA ASP A 263 0.26 30.23 0.76
C ASP A 263 -0.46 29.09 1.48
N MET A 264 -0.65 27.97 0.79
CA MET A 264 -1.25 26.81 1.45
C MET A 264 -0.34 26.27 2.54
N CYS A 265 0.99 26.39 2.38
CA CYS A 265 1.88 26.03 3.47
C CYS A 265 1.65 26.93 4.68
N ALA A 266 1.41 28.23 4.47
CA ALA A 266 1.11 29.10 5.60
C ALA A 266 -0.18 28.67 6.29
N SER A 267 -1.16 28.21 5.51
CA SER A 267 -2.39 27.72 6.13
C SER A 267 -2.13 26.46 6.95
N LEU A 268 -1.33 25.54 6.41
CA LEU A 268 -0.97 24.34 7.15
C LEU A 268 -0.21 24.69 8.42
N LYS A 269 0.72 25.64 8.33
CA LYS A 269 1.45 26.08 9.51
C LYS A 269 0.52 26.55 10.61
N GLU A 270 -0.46 27.40 10.28
CA GLU A 270 -1.34 27.83 11.34
C GLU A 270 -2.28 26.71 11.79
N LEU A 271 -2.62 25.75 10.91
CA LEU A 271 -3.39 24.59 11.36
C LEU A 271 -2.61 23.74 12.36
N LEU A 272 -1.30 23.57 12.12
CA LEU A 272 -0.45 22.83 13.04
C LEU A 272 -0.31 23.55 14.38
N GLN A 273 -0.18 24.87 14.34
CA GLN A 273 0.06 25.60 15.59
C GLN A 273 -1.22 25.83 16.40
N ASN A 274 -2.36 25.98 15.74
CA ASN A 274 -3.61 26.30 16.44
C ASN A 274 -4.54 25.12 16.60
N GLY A 275 -4.39 24.07 15.80
CA GLY A 275 -5.39 23.02 15.77
C GLY A 275 -6.59 23.45 14.93
N MET A 276 -7.63 22.63 14.99
CA MET A 276 -8.83 22.91 14.21
C MET A 276 -9.87 23.69 14.99
N ASN A 277 -9.81 23.65 16.32
CA ASN A 277 -10.75 24.37 17.19
C ASN A 277 -12.19 23.98 16.90
N GLY A 278 -12.45 22.67 16.87
CA GLY A 278 -13.78 22.14 16.72
C GLY A 278 -14.32 22.05 15.31
N ARG A 279 -13.54 22.44 14.31
CA ARG A 279 -13.99 22.37 12.93
C ARG A 279 -13.38 21.18 12.22
N THR A 280 -13.96 20.84 11.07
CA THR A 280 -13.52 19.70 10.27
C THR A 280 -13.18 20.16 8.86
N ILE A 281 -12.39 19.34 8.17
CA ILE A 281 -12.04 19.56 6.77
C ILE A 281 -12.38 18.29 6.02
N LEU A 282 -13.26 18.40 5.03
CA LEU A 282 -13.69 17.24 4.25
C LEU A 282 -14.14 16.11 5.18
N GLY A 283 -14.87 16.48 6.23
CA GLY A 283 -15.39 15.51 7.17
C GLY A 283 -14.37 14.88 8.09
N SER A 284 -13.15 15.39 8.15
CA SER A 284 -12.12 14.90 9.05
C SER A 284 -11.74 15.97 10.07
N ALA A 285 -11.54 15.55 11.31
CA ALA A 285 -11.00 16.44 12.32
C ALA A 285 -9.48 16.32 12.46
N LEU A 286 -8.85 15.51 11.63
CA LEU A 286 -7.39 15.40 11.55
C LEU A 286 -6.93 15.83 10.18
N LEU A 287 -5.65 16.20 10.08
CA LEU A 287 -5.06 16.49 8.78
C LEU A 287 -4.72 15.17 8.09
N GLU A 288 -5.41 14.90 6.98
CA GLU A 288 -5.30 13.61 6.28
C GLU A 288 -4.11 13.57 5.35
N ASP A 289 -3.37 12.45 5.35
CA ASP A 289 -2.16 12.45 4.53
C ASP A 289 -2.05 11.23 3.62
N GLU A 290 -3.16 10.53 3.34
CA GLU A 290 -3.13 9.40 2.43
C GLU A 290 -3.83 9.70 1.09
N PHE A 291 -3.80 10.97 0.65
CA PHE A 291 -4.14 11.33 -0.73
C PHE A 291 -2.95 11.98 -1.40
N THR A 292 -2.46 11.38 -2.50
CA THR A 292 -1.42 12.06 -3.25
C THR A 292 -2.04 13.18 -4.08
N PRO A 293 -1.21 14.09 -4.57
CA PRO A 293 -1.73 15.08 -5.54
C PRO A 293 -2.42 14.42 -6.73
N PHE A 294 -1.88 13.29 -7.19
CA PHE A 294 -2.52 12.63 -8.32
C PHE A 294 -3.87 12.04 -7.92
N ASP A 295 -4.00 11.55 -6.68
CA ASP A 295 -5.31 11.10 -6.22
C ASP A 295 -6.32 12.25 -6.23
N VAL A 296 -5.87 13.43 -5.80
CA VAL A 296 -6.78 14.58 -5.72
C VAL A 296 -7.23 14.99 -7.12
N VAL A 297 -6.28 15.08 -8.04
CA VAL A 297 -6.62 15.45 -9.42
C VAL A 297 -7.56 14.43 -10.04
N ARG A 298 -7.27 13.13 -9.83
CA ARG A 298 -8.12 12.08 -10.37
C ARG A 298 -9.54 12.19 -9.87
N GLN A 299 -9.72 12.43 -8.57
CA GLN A 299 -11.06 12.31 -8.04
C GLN A 299 -11.85 13.61 -8.20
N CYS A 300 -11.15 14.74 -8.15
CA CYS A 300 -11.83 16.02 -8.25
C CYS A 300 -12.10 16.43 -9.69
N SER A 301 -11.26 15.95 -10.62
CA SER A 301 -11.28 16.30 -12.04
C SER A 301 -11.72 17.74 -12.34
N ALA B 2 6.95 -9.86 15.61
CA ALA B 2 6.25 -9.93 14.32
C ALA B 2 5.39 -11.20 14.19
N VAL B 3 4.27 -11.06 13.49
CA VAL B 3 3.33 -12.15 13.28
C VAL B 3 3.12 -12.30 11.78
N LEU B 4 3.50 -13.44 11.22
CA LEU B 4 3.23 -13.72 9.81
C LEU B 4 1.73 -13.96 9.63
#